data_4OBA
#
_entry.id   4OBA
#
_cell.length_a   56.729
_cell.length_b   98.674
_cell.length_c   106.687
_cell.angle_alpha   90.000
_cell.angle_beta   90.000
_cell.angle_gamma   90.000
#
_symmetry.space_group_name_H-M   'C 2 2 21'
#
loop_
_entity.id
_entity.type
_entity.pdbx_description
1 polymer 'E3 ubiquitin-protein ligase Mdm2'
2 non-polymer '[(2R,5R,6R)-4-[(1S)-2-(tert-butylsulfonyl)-1-cyclopropylethyl]-6-(3-chlorophenyl)-5-(4-chlorophenyl)-3-oxomorpholin-2-yl]acetic acid'
3 water water
#
_entity_poly.entity_id   1
_entity_poly.type   'polypeptide(L)'
_entity_poly.pdbx_seq_one_letter_code
;GSQIPASEQETLVRPKPLLLKLLKSVGAQKDTYTMKEVLFYLGQYIMTKRLYDEKQQHIVYCSNDLLGDLFGVPSFSVKE
HRKIYTMIYRNLVVVN
;
_entity_poly.pdbx_strand_id   A,B,C
#
loop_
_chem_comp.id
_chem_comp.type
_chem_comp.name
_chem_comp.formula
2TW non-polymer '[(2R,5R,6R)-4-[(1S)-2-(tert-butylsulfonyl)-1-cyclopropylethyl]-6-(3-chlorophenyl)-5-(4-chlorophenyl)-3-oxomorpholin-2-yl]acetic acid' 'C27 H31 Cl2 N O6 S'
#
# COMPACT_ATOMS: atom_id res chain seq x y z
N ILE A 4 -11.72 25.73 -2.22
CA ILE A 4 -11.73 24.28 -1.83
C ILE A 4 -11.25 24.14 -0.39
N PRO A 5 -12.16 23.80 0.53
CA PRO A 5 -11.78 23.68 1.93
C PRO A 5 -10.96 22.42 2.20
N ALA A 6 -10.06 22.51 3.17
CA ALA A 6 -9.23 21.37 3.56
C ALA A 6 -10.05 20.17 3.99
N SER A 7 -11.25 20.41 4.53
CA SER A 7 -12.09 19.32 5.04
C SER A 7 -12.48 18.32 3.94
N GLU A 8 -12.51 18.81 2.69
CA GLU A 8 -12.80 17.96 1.54
C GLU A 8 -11.84 16.77 1.43
N GLN A 9 -10.58 16.97 1.82
CA GLN A 9 -9.56 15.91 1.79
C GLN A 9 -9.90 14.72 2.67
N GLU A 10 -10.74 14.96 3.68
CA GLU A 10 -11.08 13.93 4.66
C GLU A 10 -12.31 13.13 4.25
N THR A 11 -13.02 13.60 3.22
CA THR A 11 -14.24 12.96 2.73
C THR A 11 -13.98 11.55 2.17
N LEU A 12 -14.97 10.67 2.36
CA LEU A 12 -14.84 9.24 2.05
C LEU A 12 -15.54 8.86 0.75
N VAL A 13 -14.79 8.20 -0.12
CA VAL A 13 -15.25 7.90 -1.50
C VAL A 13 -14.90 6.50 -1.97
N ARG A 14 -15.70 6.00 -2.91
CA ARG A 14 -15.42 4.73 -3.56
C ARG A 14 -15.30 4.90 -5.07
N PRO A 15 -14.08 4.72 -5.59
CA PRO A 15 -13.79 4.84 -7.02
C PRO A 15 -14.60 3.85 -7.86
N LYS A 16 -15.05 4.31 -9.01
CA LYS A 16 -15.64 3.44 -10.01
C LYS A 16 -14.55 2.55 -10.62
N PRO A 17 -14.93 1.45 -11.32
CA PRO A 17 -13.95 0.45 -11.77
C PRO A 17 -12.73 0.94 -12.55
N LEU A 18 -12.92 1.88 -13.47
CA LEU A 18 -11.78 2.34 -14.28
C LEU A 18 -10.80 3.19 -13.48
N LEU A 19 -11.32 4.07 -12.62
CA LEU A 19 -10.49 4.80 -11.67
C LEU A 19 -9.75 3.85 -10.72
N LEU A 20 -10.46 2.85 -10.19
CA LEU A 20 -9.85 1.85 -9.31
C LEU A 20 -8.67 1.13 -9.98
N LYS A 21 -8.85 0.77 -11.25
CA LYS A 21 -7.79 0.17 -12.06
C LYS A 21 -6.53 1.05 -12.07
N LEU A 22 -6.71 2.36 -12.22
CA LEU A 22 -5.59 3.30 -12.23
C LEU A 22 -4.94 3.39 -10.86
N LEU A 23 -5.76 3.50 -9.82
CA LEU A 23 -5.25 3.66 -8.44
C LEU A 23 -4.44 2.45 -8.02
N LYS A 24 -4.89 1.26 -8.45
CA LYS A 24 -4.21 0.00 -8.14
C LYS A 24 -2.77 -0.11 -8.67
N SER A 25 -2.39 0.74 -9.63
CA SER A 25 -1.03 0.73 -10.15
C SER A 25 -0.05 1.55 -9.31
N VAL A 26 -0.56 2.28 -8.33
CA VAL A 26 0.27 3.13 -7.48
C VAL A 26 0.05 2.94 -5.98
N GLY A 27 -1.09 2.38 -5.62
CA GLY A 27 -1.42 2.13 -4.21
C GLY A 27 -2.19 0.84 -3.99
N ALA A 28 -2.27 0.43 -2.73
CA ALA A 28 -3.00 -0.76 -2.34
C ALA A 28 -4.51 -0.57 -2.53
N GLN A 29 -5.18 -1.59 -3.07
CA GLN A 29 -6.62 -1.53 -3.23
C GLN A 29 -7.33 -1.42 -1.88
N LYS A 30 -8.28 -0.49 -1.81
CA LYS A 30 -9.13 -0.32 -0.63
C LYS A 30 -10.58 -0.26 -1.08
N ASP A 31 -11.50 -0.58 -0.18
CA ASP A 31 -12.91 -0.43 -0.54
C ASP A 31 -13.41 1.00 -0.39
N THR A 32 -12.86 1.72 0.60
CA THR A 32 -13.15 3.13 0.79
C THR A 32 -11.87 3.95 0.97
N TYR A 33 -11.76 5.02 0.20
CA TYR A 33 -10.63 5.96 0.24
C TYR A 33 -11.04 7.33 0.75
N THR A 34 -10.09 8.06 1.33
CA THR A 34 -10.26 9.50 1.53
C THR A 34 -9.89 10.21 0.23
N MET A 35 -10.43 11.42 0.05
CA MET A 35 -10.04 12.24 -1.09
C MET A 35 -8.54 12.57 -1.09
N LYS A 36 -7.94 12.72 0.08
CA LYS A 36 -6.49 12.89 0.20
C LYS A 36 -5.77 11.73 -0.50
N GLU A 37 -6.25 10.50 -0.26
CA GLU A 37 -5.66 9.31 -0.87
C GLU A 37 -5.87 9.32 -2.39
N VAL A 38 -7.09 9.60 -2.83
CA VAL A 38 -7.40 9.61 -4.26
C VAL A 38 -6.54 10.64 -5.01
N LEU A 39 -6.42 11.83 -4.44
CA LEU A 39 -5.60 12.88 -5.04
C LEU A 39 -4.13 12.52 -5.12
N PHE A 40 -3.59 11.95 -4.04
CA PHE A 40 -2.19 11.55 -4.04
C PHE A 40 -1.93 10.45 -5.07
N TYR A 41 -2.73 9.40 -5.03
CA TYR A 41 -2.52 8.27 -5.94
C TYR A 41 -2.67 8.67 -7.41
N LEU A 42 -3.67 9.49 -7.72
CA LEU A 42 -3.81 10.03 -9.08
C LEU A 42 -2.59 10.88 -9.45
N GLY A 43 -2.19 11.75 -8.53
CA GLY A 43 -1.01 12.59 -8.73
C GLY A 43 0.25 11.79 -8.97
N GLN A 44 0.39 10.70 -8.22
CA GLN A 44 1.57 9.83 -8.31
C GLN A 44 1.58 9.07 -9.62
N TYR A 45 0.40 8.63 -10.03
CA TYR A 45 0.22 7.97 -11.31
C TYR A 45 0.74 8.87 -12.42
N ILE A 46 0.24 10.11 -12.45
CA ILE A 46 0.64 11.10 -13.46
C ILE A 46 2.15 11.36 -13.48
N MET A 47 2.77 11.43 -12.29
CA MET A 47 4.22 11.67 -12.16
C MET A 47 5.06 10.46 -12.57
N THR A 48 4.69 9.27 -12.08
CA THR A 48 5.44 8.05 -12.37
C THR A 48 5.42 7.74 -13.87
N LYS A 49 4.26 7.97 -14.51
CA LYS A 49 4.11 7.78 -15.95
C LYS A 49 4.49 9.02 -16.79
N ARG A 50 4.96 10.06 -16.12
CA ARG A 50 5.49 11.28 -16.76
C ARG A 50 4.51 11.90 -17.76
N LEU A 51 3.23 11.87 -17.41
CA LEU A 51 2.17 12.54 -18.17
C LEU A 51 2.24 14.04 -17.90
N TYR A 52 2.97 14.40 -16.85
CA TYR A 52 3.23 15.79 -16.48
C TYR A 52 4.74 16.02 -16.48
N ASP A 53 5.15 17.16 -17.04
CA ASP A 53 6.56 17.55 -17.20
C ASP A 53 7.47 17.13 -16.04
N HIS A 58 2.69 23.48 -16.79
CA HIS A 58 1.66 23.03 -15.87
C HIS A 58 0.59 22.19 -16.51
N ILE A 59 0.86 21.62 -17.68
CA ILE A 59 -0.14 20.81 -18.40
C ILE A 59 0.12 19.30 -18.30
N VAL A 60 -0.92 18.53 -17.98
CA VAL A 60 -0.88 17.07 -18.04
C VAL A 60 -1.41 16.65 -19.40
N TYR A 61 -0.65 15.83 -20.13
CA TYR A 61 -1.07 15.31 -21.43
C TYR A 61 -1.45 13.83 -21.31
N CYS A 62 -2.73 13.54 -21.52
CA CYS A 62 -3.28 12.21 -21.24
C CYS A 62 -4.11 11.59 -22.37
N SER A 63 -4.03 12.19 -23.56
CA SER A 63 -4.66 11.64 -24.77
C SER A 63 -4.14 10.24 -25.10
N ASN A 64 -3.00 9.92 -24.48
CA ASN A 64 -2.20 8.75 -24.76
C ASN A 64 -2.40 7.65 -23.72
N ASP A 65 -3.38 7.86 -22.83
CA ASP A 65 -3.43 7.12 -21.57
C ASP A 65 -4.88 6.89 -21.13
N LEU A 66 -5.08 5.84 -20.33
CA LEU A 66 -6.33 5.57 -19.64
C LEU A 66 -6.88 6.79 -18.89
N LEU A 67 -5.99 7.61 -18.33
CA LEU A 67 -6.40 8.82 -17.63
C LEU A 67 -7.25 9.75 -18.51
N GLY A 68 -6.90 9.82 -19.80
CA GLY A 68 -7.67 10.60 -20.76
C GLY A 68 -9.08 10.05 -20.97
N ASP A 69 -9.19 8.72 -20.97
CA ASP A 69 -10.50 8.06 -21.06
C ASP A 69 -11.34 8.29 -19.81
N LEU A 70 -10.68 8.39 -18.65
CA LEU A 70 -11.36 8.63 -17.39
C LEU A 70 -11.85 10.07 -17.25
N PHE A 71 -11.03 11.03 -17.69
CA PHE A 71 -11.34 12.45 -17.54
C PHE A 71 -12.12 13.04 -18.72
N GLY A 72 -12.09 12.36 -19.85
CA GLY A 72 -12.78 12.82 -21.06
C GLY A 72 -12.14 14.02 -21.74
N VAL A 73 -10.86 14.26 -21.43
CA VAL A 73 -10.10 15.38 -22.00
C VAL A 73 -8.71 14.92 -22.48
N PRO A 74 -8.14 15.62 -23.48
CA PRO A 74 -6.80 15.25 -23.98
C PRO A 74 -5.68 15.80 -23.10
N SER A 75 -5.99 16.86 -22.35
CA SER A 75 -5.04 17.53 -21.48
C SER A 75 -5.80 18.39 -20.48
N PHE A 76 -5.11 18.77 -19.41
CA PHE A 76 -5.65 19.71 -18.42
C PHE A 76 -4.51 20.35 -17.64
N SER A 77 -4.78 21.48 -17.00
CA SER A 77 -3.78 22.16 -16.18
C SER A 77 -3.82 21.66 -14.75
N VAL A 78 -2.64 21.43 -14.16
CA VAL A 78 -2.54 21.02 -12.75
C VAL A 78 -3.01 22.11 -11.78
N LYS A 79 -3.12 23.34 -12.27
CA LYS A 79 -3.47 24.50 -11.45
C LYS A 79 -4.97 24.80 -11.40
N GLU A 80 -5.75 24.17 -12.26
CA GLU A 80 -7.21 24.35 -12.24
C GLU A 80 -7.86 23.27 -11.39
N HIS A 81 -7.83 23.49 -10.08
CA HIS A 81 -8.24 22.47 -9.10
C HIS A 81 -9.71 22.19 -9.09
N ARG A 82 -10.52 23.25 -9.26
CA ARG A 82 -11.97 23.09 -9.35
C ARG A 82 -12.34 22.08 -10.45
N LYS A 83 -11.77 22.24 -11.64
CA LYS A 83 -12.05 21.33 -12.77
C LYS A 83 -11.57 19.91 -12.49
N ILE A 84 -10.41 19.79 -11.84
CA ILE A 84 -9.88 18.47 -11.49
C ILE A 84 -10.85 17.75 -10.55
N TYR A 85 -11.32 18.44 -9.51
CA TYR A 85 -12.30 17.84 -8.59
C TYR A 85 -13.54 17.35 -9.32
N THR A 86 -14.05 18.18 -10.23
CA THR A 86 -15.22 17.82 -11.01
C THR A 86 -14.99 16.58 -11.88
N MET A 87 -13.80 16.48 -12.48
CA MET A 87 -13.46 15.33 -13.31
C MET A 87 -13.34 14.04 -12.49
N ILE A 88 -12.73 14.14 -11.32
CA ILE A 88 -12.56 12.97 -10.45
C ILE A 88 -13.93 12.48 -9.97
N TYR A 89 -14.81 13.40 -9.61
CA TYR A 89 -16.10 13.02 -9.01
C TYR A 89 -17.05 12.25 -9.95
N ARG A 90 -16.87 12.43 -11.25
CA ARG A 90 -17.60 11.61 -12.24
C ARG A 90 -17.19 10.15 -12.15
N ASN A 91 -16.05 9.90 -11.53
CA ASN A 91 -15.45 8.56 -11.49
C ASN A 91 -15.47 7.92 -10.10
N LEU A 92 -16.32 8.46 -9.21
CA LEU A 92 -16.47 7.86 -7.89
C LEU A 92 -17.85 8.08 -7.32
N VAL A 93 -18.13 7.37 -6.22
CA VAL A 93 -19.35 7.51 -5.46
C VAL A 93 -18.98 7.88 -4.03
N VAL A 94 -19.68 8.87 -3.50
CA VAL A 94 -19.48 9.30 -2.11
C VAL A 94 -20.10 8.28 -1.17
N VAL A 95 -19.38 7.93 -0.09
CA VAL A 95 -19.92 7.10 0.98
C VAL A 95 -19.82 7.78 2.37
N ILE B 4 0.83 13.59 1.30
CA ILE B 4 1.13 12.13 1.27
C ILE B 4 0.30 11.42 2.33
N PRO B 5 -0.54 10.45 1.93
CA PRO B 5 -1.38 9.76 2.91
C PRO B 5 -0.63 8.70 3.71
N ALA B 6 -1.14 8.41 4.91
CA ALA B 6 -0.60 7.35 5.75
C ALA B 6 -0.58 6.00 5.02
N SER B 7 -1.61 5.75 4.21
CA SER B 7 -1.74 4.49 3.47
C SER B 7 -0.56 4.18 2.54
N GLU B 8 0.20 5.20 2.16
CA GLU B 8 1.33 5.00 1.23
C GLU B 8 2.35 4.02 1.78
N GLN B 9 2.52 4.01 3.10
CA GLN B 9 3.43 3.06 3.79
C GLN B 9 3.08 1.60 3.56
N GLU B 10 1.81 1.32 3.29
CA GLU B 10 1.30 -0.05 3.13
C GLU B 10 1.23 -0.49 1.67
N THR B 11 1.68 0.37 0.76
CA THR B 11 1.71 -0.02 -0.65
C THR B 11 2.65 -1.22 -0.80
N LEU B 12 2.18 -2.25 -1.50
CA LEU B 12 2.98 -3.44 -1.74
C LEU B 12 3.69 -3.35 -3.09
N VAL B 13 4.99 -3.62 -3.08
CA VAL B 13 5.87 -3.31 -4.22
C VAL B 13 6.87 -4.41 -4.51
N ARG B 14 7.25 -4.53 -5.78
CA ARG B 14 8.36 -5.39 -6.15
C ARG B 14 9.42 -4.54 -6.84
N PRO B 15 10.56 -4.33 -6.14
CA PRO B 15 11.65 -3.56 -6.72
C PRO B 15 12.18 -4.18 -8.01
N LYS B 16 12.54 -3.32 -8.95
CA LYS B 16 13.19 -3.73 -10.19
C LYS B 16 14.60 -4.25 -9.87
N PRO B 17 15.26 -4.94 -10.83
CA PRO B 17 16.50 -5.66 -10.51
C PRO B 17 17.59 -4.85 -9.79
N LEU B 18 17.84 -3.61 -10.22
CA LEU B 18 18.93 -2.82 -9.66
C LEU B 18 18.63 -2.34 -8.25
N LEU B 19 17.40 -1.87 -8.01
CA LEU B 19 16.97 -1.50 -6.66
C LEU B 19 17.03 -2.71 -5.74
N LEU B 20 16.60 -3.86 -6.24
CA LEU B 20 16.65 -5.10 -5.45
C LEU B 20 18.09 -5.38 -5.01
N LYS B 21 19.03 -5.21 -5.95
CA LYS B 21 20.46 -5.41 -5.68
C LYS B 21 20.92 -4.50 -4.53
N LEU B 22 20.55 -3.22 -4.61
CA LEU B 22 20.86 -2.23 -3.58
C LEU B 22 20.31 -2.62 -2.21
N LEU B 23 19.05 -3.02 -2.18
CA LEU B 23 18.38 -3.39 -0.92
C LEU B 23 19.04 -4.60 -0.26
N LYS B 24 19.34 -5.63 -1.05
CA LYS B 24 20.05 -6.83 -0.57
C LYS B 24 21.31 -6.51 0.21
N SER B 25 22.01 -5.45 -0.20
CA SER B 25 23.30 -5.08 0.39
C SER B 25 23.16 -4.62 1.85
N VAL B 26 21.94 -4.26 2.25
CA VAL B 26 21.66 -3.82 3.61
C VAL B 26 20.59 -4.65 4.33
N GLY B 27 20.31 -5.86 3.84
CA GLY B 27 19.30 -6.72 4.47
C GLY B 27 18.67 -7.82 3.63
N ALA B 28 18.06 -8.79 4.33
CA ALA B 28 17.54 -10.04 3.75
C ALA B 28 16.70 -9.90 2.47
N GLN B 29 17.05 -10.70 1.44
CA GLN B 29 16.42 -10.57 0.12
C GLN B 29 15.09 -11.31 0.01
N LYS B 30 14.01 -10.55 -0.05
CA LYS B 30 12.75 -11.05 -0.59
C LYS B 30 12.40 -10.28 -1.84
N ASP B 31 11.33 -10.70 -2.53
CA ASP B 31 10.94 -10.09 -3.80
C ASP B 31 9.94 -8.95 -3.64
N THR B 32 9.02 -9.11 -2.69
CA THR B 32 7.91 -8.19 -2.51
C THR B 32 8.00 -7.56 -1.12
N TYR B 33 7.71 -6.27 -1.04
CA TYR B 33 7.90 -5.48 0.17
C TYR B 33 6.74 -4.53 0.39
N THR B 34 6.63 -3.99 1.60
CA THR B 34 5.81 -2.83 1.84
C THR B 34 6.67 -1.60 1.56
N MET B 35 6.04 -0.49 1.21
CA MET B 35 6.77 0.76 1.01
C MET B 35 7.51 1.19 2.27
N LYS B 36 6.93 0.89 3.43
CA LYS B 36 7.61 1.13 4.71
C LYS B 36 8.95 0.40 4.76
N GLU B 37 8.97 -0.86 4.36
CA GLU B 37 10.22 -1.65 4.33
C GLU B 37 11.24 -1.06 3.38
N VAL B 38 10.81 -0.73 2.17
CA VAL B 38 11.68 -0.16 1.13
C VAL B 38 12.32 1.13 1.64
N LEU B 39 11.52 1.97 2.29
CA LEU B 39 12.04 3.21 2.87
C LEU B 39 13.04 2.94 3.98
N PHE B 40 12.76 1.94 4.81
CA PHE B 40 13.70 1.58 5.89
C PHE B 40 15.07 1.18 5.33
N TYR B 41 15.07 0.27 4.35
CA TYR B 41 16.33 -0.25 3.79
C TYR B 41 17.09 0.81 3.02
N LEU B 42 16.36 1.69 2.31
CA LEU B 42 17.02 2.81 1.65
C LEU B 42 17.66 3.74 2.67
N GLY B 43 16.94 4.00 3.75
CA GLY B 43 17.45 4.80 4.86
C GLY B 43 18.72 4.20 5.46
N GLN B 44 18.71 2.89 5.68
CA GLN B 44 19.86 2.19 6.24
C GLN B 44 21.06 2.23 5.31
N TYR B 45 20.79 2.11 4.01
CA TYR B 45 21.81 2.17 2.98
C TYR B 45 22.51 3.53 2.99
N ILE B 46 21.71 4.58 2.91
CA ILE B 46 22.20 5.95 2.94
C ILE B 46 23.04 6.23 4.19
N MET B 47 22.56 5.77 5.35
CA MET B 47 23.24 6.02 6.62
C MET B 47 24.52 5.21 6.79
N THR B 48 24.48 3.92 6.48
CA THR B 48 25.66 3.04 6.57
C THR B 48 26.81 3.50 5.67
N LYS B 49 26.46 3.94 4.47
CA LYS B 49 27.44 4.42 3.49
C LYS B 49 27.76 5.90 3.67
N ARG B 50 27.11 6.54 4.64
CA ARG B 50 27.33 7.95 4.98
C ARG B 50 27.09 8.90 3.81
N LEU B 51 26.04 8.64 3.05
CA LEU B 51 25.64 9.52 1.95
C LEU B 51 24.96 10.77 2.48
N TYR B 52 24.48 10.70 3.72
CA TYR B 52 23.77 11.80 4.36
C TYR B 52 24.52 12.25 5.62
N ASP B 53 24.78 13.57 5.67
CA ASP B 53 25.56 14.26 6.72
C ASP B 53 26.13 13.39 7.85
N HIS B 58 20.65 18.69 5.17
CA HIS B 58 19.62 17.70 4.89
C HIS B 58 19.82 17.02 3.55
N ILE B 59 21.02 17.13 2.99
CA ILE B 59 21.28 16.66 1.62
C ILE B 59 21.95 15.30 1.58
N VAL B 60 21.40 14.42 0.73
CA VAL B 60 22.00 13.13 0.42
C VAL B 60 22.83 13.33 -0.84
N TYR B 61 24.11 12.97 -0.76
CA TYR B 61 25.02 13.10 -1.89
C TYR B 61 25.30 11.74 -2.51
N CYS B 62 24.71 11.52 -3.69
CA CYS B 62 24.72 10.20 -4.32
C CYS B 62 25.28 10.20 -5.75
N SER B 63 26.04 11.24 -6.09
CA SER B 63 26.53 11.44 -7.46
C SER B 63 27.52 10.35 -7.90
N ASN B 64 28.11 9.68 -6.91
CA ASN B 64 29.16 8.71 -7.13
C ASN B 64 28.69 7.33 -6.61
N ASP B 65 27.37 7.18 -6.46
CA ASP B 65 26.75 5.96 -5.94
C ASP B 65 25.68 5.36 -6.87
N LEU B 66 25.47 4.04 -6.74
CA LEU B 66 24.39 3.34 -7.43
C LEU B 66 23.04 4.01 -7.23
N LEU B 67 22.78 4.48 -6.00
CA LEU B 67 21.54 5.20 -5.67
C LEU B 67 21.27 6.41 -6.58
N GLY B 68 22.31 7.17 -6.89
CA GLY B 68 22.21 8.30 -7.83
C GLY B 68 21.78 7.85 -9.20
N ASP B 69 22.38 6.76 -9.69
CA ASP B 69 22.01 6.16 -10.96
C ASP B 69 20.52 5.81 -10.98
N LEU B 70 20.05 5.15 -9.91
CA LEU B 70 18.68 4.70 -9.80
C LEU B 70 17.69 5.85 -9.67
N PHE B 71 18.07 6.86 -8.90
CA PHE B 71 17.21 8.01 -8.63
C PHE B 71 17.28 9.08 -9.71
N GLY B 72 18.31 9.01 -10.55
CA GLY B 72 18.49 9.95 -11.66
C GLY B 72 18.92 11.35 -11.26
N VAL B 73 19.46 11.50 -10.05
CA VAL B 73 19.90 12.80 -9.54
C VAL B 73 21.28 12.70 -8.86
N PRO B 74 22.07 13.79 -8.88
CA PRO B 74 23.35 13.82 -8.16
C PRO B 74 23.21 13.94 -6.65
N SER B 75 22.11 14.54 -6.21
CA SER B 75 21.81 14.75 -4.79
C SER B 75 20.32 15.04 -4.63
N PHE B 76 19.83 14.95 -3.40
CA PHE B 76 18.46 15.32 -3.07
C PHE B 76 18.33 15.64 -1.58
N SER B 77 17.25 16.33 -1.22
CA SER B 77 16.98 16.64 0.18
C SER B 77 16.11 15.56 0.82
N VAL B 78 16.43 15.20 2.06
CA VAL B 78 15.64 14.20 2.79
C VAL B 78 14.27 14.75 3.18
N LYS B 79 14.10 16.07 3.04
CA LYS B 79 12.85 16.73 3.39
C LYS B 79 11.83 16.77 2.26
N GLU B 80 12.30 16.58 1.03
CA GLU B 80 11.42 16.58 -0.14
C GLU B 80 10.85 15.18 -0.39
N HIS B 81 9.85 14.82 0.41
CA HIS B 81 9.25 13.48 0.39
C HIS B 81 8.55 13.18 -0.91
N ARG B 82 7.86 14.17 -1.45
CA ARG B 82 7.12 14.01 -2.71
C ARG B 82 8.07 13.63 -3.86
N LYS B 83 9.20 14.31 -3.93
CA LYS B 83 10.21 14.02 -4.97
C LYS B 83 10.81 12.63 -4.79
N ILE B 84 11.08 12.26 -3.53
CA ILE B 84 11.64 10.97 -3.16
C ILE B 84 10.73 9.81 -3.58
N TYR B 85 9.43 9.93 -3.30
CA TYR B 85 8.50 8.88 -3.70
C TYR B 85 8.52 8.65 -5.20
N THR B 86 8.53 9.74 -5.97
CA THR B 86 8.58 9.65 -7.41
C THR B 86 9.84 8.94 -7.89
N MET B 87 10.98 9.29 -7.30
CA MET B 87 12.24 8.63 -7.63
C MET B 87 12.22 7.13 -7.28
N ILE B 88 11.60 6.80 -6.14
CA ILE B 88 11.44 5.40 -5.75
C ILE B 88 10.51 4.64 -6.72
N TYR B 89 9.39 5.25 -7.10
CA TYR B 89 8.39 4.55 -7.94
C TYR B 89 8.87 4.12 -9.31
N ARG B 90 9.85 4.81 -9.85
CA ARG B 90 10.39 4.45 -11.16
C ARG B 90 11.31 3.22 -11.09
N ASN B 91 11.59 2.75 -9.87
CA ASN B 91 12.40 1.56 -9.63
C ASN B 91 11.66 0.35 -9.06
N LEU B 92 10.34 0.39 -9.13
CA LEU B 92 9.52 -0.71 -8.63
C LEU B 92 8.21 -0.85 -9.39
N VAL B 93 7.52 -1.95 -9.16
CA VAL B 93 6.18 -2.16 -9.70
C VAL B 93 5.28 -2.46 -8.53
N VAL B 94 4.11 -1.83 -8.52
CA VAL B 94 3.13 -2.06 -7.46
C VAL B 94 2.43 -3.40 -7.68
N VAL B 95 2.25 -4.15 -6.61
CA VAL B 95 1.53 -5.42 -6.65
C VAL B 95 0.13 -5.28 -6.06
N ILE C 4 8.54 -20.25 15.63
CA ILE C 4 7.94 -19.20 14.75
C ILE C 4 9.01 -18.16 14.37
N PRO C 5 9.39 -18.10 13.08
CA PRO C 5 10.32 -17.08 12.61
C PRO C 5 9.68 -15.68 12.59
N ALA C 6 10.48 -14.67 12.92
CA ALA C 6 10.01 -13.28 12.96
C ALA C 6 9.42 -12.82 11.64
N SER C 7 10.11 -13.15 10.54
CA SER C 7 9.71 -12.74 9.18
C SER C 7 8.31 -13.21 8.78
N GLU C 8 7.79 -14.21 9.49
CA GLU C 8 6.47 -14.75 9.22
C GLU C 8 5.38 -13.68 9.31
N GLN C 9 5.52 -12.76 10.26
CA GLN C 9 4.58 -11.65 10.42
C GLN C 9 4.56 -10.71 9.21
N GLU C 10 5.60 -10.79 8.38
CA GLU C 10 5.74 -9.91 7.22
C GLU C 10 5.27 -10.56 5.91
N THR C 11 4.94 -11.85 5.97
CA THR C 11 4.52 -12.59 4.78
C THR C 11 3.26 -11.95 4.20
N LEU C 12 3.24 -11.79 2.89
CA LEU C 12 2.09 -11.19 2.22
C LEU C 12 1.13 -12.28 1.76
N VAL C 13 -0.16 -12.05 2.01
CA VAL C 13 -1.18 -13.07 1.79
C VAL C 13 -2.45 -12.44 1.23
N ARG C 14 -3.22 -13.24 0.49
CA ARG C 14 -4.54 -12.82 0.05
C ARG C 14 -5.59 -13.74 0.65
N PRO C 15 -6.34 -13.24 1.63
CA PRO C 15 -7.36 -14.04 2.31
C PRO C 15 -8.43 -14.48 1.33
N LYS C 16 -8.85 -15.74 1.48
CA LYS C 16 -10.02 -16.25 0.77
C LYS C 16 -11.29 -15.56 1.26
N PRO C 17 -12.40 -15.67 0.51
CA PRO C 17 -13.62 -14.90 0.80
C PRO C 17 -14.10 -14.91 2.26
N LEU C 18 -14.23 -16.09 2.86
CA LEU C 18 -14.72 -16.18 4.24
C LEU C 18 -13.83 -15.42 5.25
N LEU C 19 -12.51 -15.67 5.22
CA LEU C 19 -11.60 -14.94 6.09
C LEU C 19 -11.63 -13.44 5.82
N LEU C 20 -11.73 -13.07 4.54
CA LEU C 20 -11.73 -11.66 4.16
C LEU C 20 -12.95 -10.94 4.76
N LYS C 21 -14.10 -11.61 4.73
CA LYS C 21 -15.35 -11.11 5.31
C LYS C 21 -15.14 -10.78 6.78
N LEU C 22 -14.53 -11.72 7.50
CA LEU C 22 -14.26 -11.57 8.92
C LEU C 22 -13.34 -10.35 9.20
N LEU C 23 -12.27 -10.23 8.42
CA LEU C 23 -11.34 -9.10 8.60
C LEU C 23 -12.00 -7.75 8.32
N LYS C 24 -12.77 -7.68 7.23
CA LYS C 24 -13.47 -6.45 6.87
C LYS C 24 -14.48 -6.03 7.93
N SER C 25 -15.01 -7.00 8.67
CA SER C 25 -16.05 -6.73 9.66
C SER C 25 -15.55 -5.90 10.85
N VAL C 26 -14.23 -5.84 11.02
CA VAL C 26 -13.58 -5.03 12.06
C VAL C 26 -12.63 -3.97 11.48
N GLY C 27 -12.43 -4.00 10.17
CA GLY C 27 -11.35 -3.21 9.57
C GLY C 27 -11.59 -2.73 8.17
N ALA C 28 -10.86 -1.68 7.78
CA ALA C 28 -10.85 -1.17 6.40
C ALA C 28 -10.42 -2.21 5.39
N GLN C 29 -11.28 -2.42 4.41
CA GLN C 29 -11.05 -3.52 3.50
C GLN C 29 -9.91 -3.20 2.53
N LYS C 30 -8.80 -3.90 2.71
CA LYS C 30 -7.96 -4.23 1.57
C LYS C 30 -8.13 -5.70 1.23
N ASP C 31 -7.45 -6.15 0.17
CA ASP C 31 -7.57 -7.52 -0.32
C ASP C 31 -6.28 -8.30 -0.07
N THR C 32 -5.19 -7.58 0.16
CA THR C 32 -3.88 -8.19 0.39
C THR C 32 -3.30 -7.61 1.67
N TYR C 33 -2.72 -8.48 2.50
CA TYR C 33 -2.29 -8.12 3.85
C TYR C 33 -0.96 -8.76 4.21
N THR C 34 -0.29 -8.19 5.20
CA THR C 34 0.79 -8.88 5.90
C THR C 34 0.12 -9.80 6.91
N MET C 35 0.82 -10.87 7.30
CA MET C 35 0.33 -11.76 8.36
C MET C 35 0.14 -11.03 9.68
N LYS C 36 0.91 -9.97 9.90
CA LYS C 36 0.77 -9.16 11.12
C LYS C 36 -0.62 -8.50 11.16
N GLU C 37 -1.07 -8.03 10.00
CA GLU C 37 -2.41 -7.45 9.86
C GLU C 37 -3.49 -8.50 10.07
N VAL C 38 -3.36 -9.64 9.41
CA VAL C 38 -4.35 -10.71 9.54
C VAL C 38 -4.54 -11.07 11.01
N LEU C 39 -3.43 -11.30 11.72
CA LEU C 39 -3.48 -11.72 13.12
C LEU C 39 -4.09 -10.64 14.02
N PHE C 40 -3.78 -9.38 13.72
CA PHE C 40 -4.36 -8.29 14.49
C PHE C 40 -5.86 -8.18 14.27
N TYR C 41 -6.29 -8.14 13.00
CA TYR C 41 -7.72 -8.00 12.70
C TYR C 41 -8.54 -9.19 13.21
N LEU C 42 -7.96 -10.39 13.12
CA LEU C 42 -8.60 -11.59 13.68
C LEU C 42 -8.70 -11.49 15.19
N GLY C 43 -7.62 -11.05 15.83
CA GLY C 43 -7.63 -10.80 17.28
C GLY C 43 -8.73 -9.82 17.64
N GLN C 44 -8.83 -8.74 16.87
CA GLN C 44 -9.89 -7.75 17.07
C GLN C 44 -11.27 -8.33 16.89
N TYR C 45 -11.45 -9.17 15.88
CA TYR C 45 -12.71 -9.87 15.64
C TYR C 45 -13.09 -10.73 16.84
N ILE C 46 -12.13 -11.50 17.35
CA ILE C 46 -12.36 -12.37 18.51
C ILE C 46 -12.67 -11.56 19.79
N MET C 47 -11.93 -10.48 20.00
CA MET C 47 -12.10 -9.62 21.19
C MET C 47 -13.42 -8.84 21.21
N THR C 48 -13.76 -8.20 20.10
CA THR C 48 -14.99 -7.40 20.03
C THR C 48 -16.27 -8.24 20.09
N LYS C 49 -16.22 -9.46 19.54
CA LYS C 49 -17.35 -10.39 19.61
C LYS C 49 -17.37 -11.16 20.92
N ARG C 50 -16.32 -10.97 21.73
CA ARG C 50 -16.21 -11.60 23.05
C ARG C 50 -16.21 -13.13 22.96
N LEU C 51 -15.45 -13.64 22.00
CA LEU C 51 -15.26 -15.08 21.87
C LEU C 51 -14.13 -15.58 22.79
N TYR C 52 -13.47 -14.65 23.49
CA TYR C 52 -12.35 -14.95 24.37
C TYR C 52 -12.49 -14.32 25.77
N ASP C 53 -12.53 -15.17 26.79
CA ASP C 53 -12.83 -14.82 28.20
C ASP C 53 -13.25 -13.37 28.49
N HIS C 58 -7.23 -19.60 28.64
CA HIS C 58 -6.66 -19.01 27.44
C HIS C 58 -7.33 -19.55 26.19
N ILE C 59 -8.64 -19.74 26.26
CA ILE C 59 -9.36 -20.41 25.18
C ILE C 59 -10.38 -19.52 24.46
N VAL C 60 -10.34 -19.60 23.13
CA VAL C 60 -11.33 -18.97 22.26
C VAL C 60 -12.44 -19.99 22.01
N TYR C 61 -13.69 -19.56 22.20
CA TYR C 61 -14.86 -20.41 21.96
C TYR C 61 -15.62 -19.95 20.73
N CYS C 62 -15.59 -20.78 19.68
CA CYS C 62 -16.10 -20.35 18.37
C CYS C 62 -17.05 -21.34 17.69
N SER C 63 -17.63 -22.26 18.45
CA SER C 63 -18.51 -23.29 17.87
C SER C 63 -19.79 -22.71 17.27
N ASN C 64 -20.14 -21.50 17.73
CA ASN C 64 -21.38 -20.79 17.37
C ASN C 64 -21.08 -19.54 16.53
N ASP C 65 -19.90 -19.51 15.92
CA ASP C 65 -19.43 -18.34 15.16
C ASP C 65 -18.85 -18.78 13.83
N LEU C 66 -18.87 -17.89 12.84
CA LEU C 66 -18.29 -18.16 11.51
C LEU C 66 -16.83 -18.58 11.60
N LEU C 67 -16.13 -18.09 12.63
CA LEU C 67 -14.72 -18.44 12.86
C LEU C 67 -14.54 -19.94 13.06
N GLY C 68 -15.47 -20.56 13.78
CA GLY C 68 -15.46 -22.02 13.94
C GLY C 68 -15.54 -22.75 12.61
N ASP C 69 -16.36 -22.22 11.70
CA ASP C 69 -16.48 -22.79 10.35
C ASP C 69 -15.20 -22.63 9.57
N LEU C 70 -14.59 -21.44 9.67
CA LEU C 70 -13.36 -21.14 8.97
C LEU C 70 -12.21 -22.05 9.41
N PHE C 71 -12.05 -22.17 10.73
CA PHE C 71 -10.92 -22.90 11.30
C PHE C 71 -11.21 -24.40 11.40
N GLY C 72 -12.48 -24.75 11.38
CA GLY C 72 -12.91 -26.15 11.46
C GLY C 72 -12.84 -26.78 12.85
N VAL C 73 -12.74 -25.95 13.88
CA VAL C 73 -12.66 -26.38 15.29
C VAL C 73 -13.70 -25.64 16.15
N PRO C 74 -14.19 -26.27 17.22
CA PRO C 74 -15.14 -25.57 18.10
C PRO C 74 -14.47 -24.65 19.12
N SER C 75 -13.18 -24.90 19.38
CA SER C 75 -12.38 -24.05 20.26
C SER C 75 -10.90 -24.23 19.98
N PHE C 76 -10.11 -23.29 20.49
CA PHE C 76 -8.65 -23.36 20.42
C PHE C 76 -7.98 -22.45 21.44
N SER C 77 -6.70 -22.70 21.72
CA SER C 77 -5.94 -21.87 22.65
C SER C 77 -5.26 -20.71 21.93
N VAL C 78 -5.25 -19.55 22.59
CA VAL C 78 -4.57 -18.37 22.06
C VAL C 78 -3.05 -18.50 22.18
N LYS C 79 -2.59 -19.49 22.93
CA LYS C 79 -1.16 -19.73 23.15
C LYS C 79 -0.51 -20.69 22.16
N GLU C 80 -1.33 -21.43 21.42
CA GLU C 80 -0.83 -22.38 20.41
C GLU C 80 -0.70 -21.70 19.05
N HIS C 81 0.38 -20.92 18.92
CA HIS C 81 0.59 -20.05 17.75
C HIS C 81 0.80 -20.80 16.48
N ARG C 82 1.59 -21.87 16.56
CA ARG C 82 1.82 -22.75 15.42
C ARG C 82 0.49 -23.20 14.83
N LYS C 83 -0.37 -23.79 15.67
CA LYS C 83 -1.69 -24.26 15.24
C LYS C 83 -2.55 -23.16 14.61
N ILE C 84 -2.53 -21.98 15.21
CA ILE C 84 -3.28 -20.83 14.69
C ILE C 84 -2.80 -20.45 13.29
N TYR C 85 -1.48 -20.36 13.11
CA TYR C 85 -0.90 -20.10 11.80
C TYR C 85 -1.36 -21.11 10.75
N THR C 86 -1.39 -22.37 11.13
CA THR C 86 -1.80 -23.48 10.28
C THR C 86 -3.26 -23.32 9.83
N MET C 87 -4.13 -22.99 10.77
CA MET C 87 -5.55 -22.78 10.46
C MET C 87 -5.79 -21.57 9.55
N ILE C 88 -5.09 -20.47 9.83
CA ILE C 88 -5.19 -19.24 9.02
C ILE C 88 -4.69 -19.47 7.59
N TYR C 89 -3.55 -20.16 7.47
CA TYR C 89 -2.92 -20.39 6.17
C TYR C 89 -3.80 -21.18 5.19
N ARG C 90 -4.73 -21.98 5.71
CA ARG C 90 -5.65 -22.73 4.85
C ARG C 90 -6.74 -21.83 4.27
N ASN C 91 -6.82 -20.60 4.77
CA ASN C 91 -7.87 -19.65 4.38
C ASN C 91 -7.30 -18.46 3.60
N LEU C 92 -6.16 -18.68 2.96
CA LEU C 92 -5.48 -17.66 2.18
C LEU C 92 -4.56 -18.28 1.12
N VAL C 93 -4.07 -17.44 0.21
CA VAL C 93 -3.04 -17.82 -0.75
C VAL C 93 -1.88 -16.85 -0.60
N VAL C 94 -0.67 -17.39 -0.41
CA VAL C 94 0.51 -16.54 -0.28
C VAL C 94 0.81 -15.83 -1.62
N VAL C 95 1.16 -14.55 -1.55
CA VAL C 95 1.53 -13.81 -2.76
C VAL C 95 3.04 -13.86 -3.00
C14 2TW D . -4.64 19.11 -7.44
C13 2TW D . -5.84 19.04 -6.73
CL2 2TW D . -7.34 19.30 -7.54
C12 2TW D . -5.82 18.75 -5.36
C11 2TW D . -4.61 18.54 -4.71
C10 2TW D . -3.42 18.61 -5.43
C9 2TW D . -3.43 18.90 -6.80
C8 2TW D . -2.11 18.99 -7.59
O1 2TW D . -1.13 19.74 -6.85
C23 2TW D . 0.06 20.03 -7.60
C25 2TW D . -0.18 21.23 -8.55
C26 2TW D . -0.41 22.53 -7.75
O4 2TW D . -1.49 23.13 -7.92
O3 2TW D . 0.51 22.88 -6.99
C24 2TW D . 0.60 18.77 -8.34
O2 2TW D . 1.73 18.81 -8.81
N1 2TW D . -0.22 17.61 -8.48
C15 2TW D . 0.33 16.38 -9.13
C16 2TW D . 0.72 16.63 -10.59
C22 2TW D . -0.27 16.11 -11.64
C27 2TW D . 1.04 15.36 -11.38
C17 2TW D . 1.51 15.79 -8.33
S1 2TW D . 1.13 15.59 -6.55
O5 2TW D . 1.23 16.93 -5.90
O6 2TW D . -0.24 14.99 -6.38
C18 2TW D . 2.32 14.46 -5.74
C20 2TW D . 3.74 14.95 -6.02
C21 2TW D . 2.03 14.45 -4.24
C19 2TW D . 2.12 13.06 -6.29
C7 2TW D . -1.57 17.57 -7.85
C5 2TW D . -2.58 16.78 -8.69
C4 2TW D . -3.15 15.64 -8.13
C3 2TW D . -4.08 14.90 -8.86
C2 2TW D . -4.43 15.33 -10.14
CL1 2TW D . -5.56 14.41 -11.04
C1 2TW D . -3.86 16.47 -10.71
C6 2TW D . -2.94 17.20 -9.97
C14 2TW E . 11.37 10.18 3.54
C13 2TW E . 10.23 9.61 2.98
CL2 2TW E . 9.84 9.93 1.33
C12 2TW E . 9.42 8.78 3.75
C11 2TW E . 9.73 8.51 5.08
C10 2TW E . 10.88 9.09 5.64
C9 2TW E . 11.69 9.92 4.87
C8 2TW E . 12.95 10.55 5.48
O1 2TW E . 12.64 11.21 6.73
C23 2TW E . 13.77 11.92 7.31
C25 2TW E . 13.82 13.39 6.84
C26 2TW E . 12.63 14.19 7.41
O4 2TW E . 12.61 14.40 8.64
O3 2TW E . 11.78 14.58 6.60
C24 2TW E . 15.09 11.11 7.21
O2 2TW E . 16.05 11.52 7.87
N1 2TW E . 15.18 9.92 6.42
C15 2TW E . 16.39 9.05 6.39
C16 2TW E . 17.65 9.75 5.87
C22 2TW E . 18.13 9.28 4.50
C27 2TW E . 18.87 8.84 5.75
C17 2TW E . 16.61 8.37 7.75
S1 2TW E . 15.35 7.08 8.10
O5 2TW E . 14.12 7.75 8.62
O6 2TW E . 15.02 6.31 6.85
C18 2TW E . 15.99 5.92 9.36
C20 2TW E . 14.88 4.91 9.64
C21 2TW E . 17.24 5.23 8.82
C19 2TW E . 16.34 6.72 10.62
C7 2TW E . 14.00 9.44 5.64
C5 2TW E . 14.40 8.96 4.23
C4 2TW E . 14.22 7.61 3.90
C3 2TW E . 14.55 7.14 2.64
C2 2TW E . 15.08 8.02 1.69
CL1 2TW E . 15.49 7.42 0.13
C1 2TW E . 15.26 9.37 2.00
C6 2TW E . 14.92 9.84 3.27
C14 2TW F . -1.37 -15.25 18.17
C13 2TW F . -0.52 -15.40 17.08
CL2 2TW F . -0.51 -16.91 16.23
C12 2TW F . 0.30 -14.35 16.66
C11 2TW F . 0.28 -13.15 17.35
C10 2TW F . -0.57 -12.98 18.44
C9 2TW F . -1.38 -14.04 18.86
C8 2TW F . -2.32 -13.88 20.06
O1 2TW F . -1.60 -13.25 21.12
C23 2TW F . -2.30 -13.27 22.38
C25 2TW F . -2.23 -14.67 23.03
C26 2TW F . -0.85 -14.98 23.64
O4 2TW F . 0.11 -15.15 22.86
O3 2TW F . -0.79 -15.04 24.89
C24 2TW F . -3.75 -12.76 22.19
O2 2TW F . -4.37 -12.43 23.20
N1 2TW F . -4.35 -12.68 20.90
C15 2TW F . -5.74 -12.14 20.71
C16 2TW F . -6.79 -12.99 21.43
C22 2TW F . -7.66 -13.87 20.52
C27 2TW F . -8.25 -12.61 21.15
C17 2TW F . -5.82 -10.67 21.17
S1 2TW F . -4.56 -9.57 20.43
O5 2TW F . -3.17 -10.09 20.68
O6 2TW F . -4.79 -9.49 18.95
C18 2TW F . -4.65 -7.94 21.26
C20 2TW F . -3.58 -7.02 20.63
C21 2TW F . -6.04 -7.33 21.15
C19 2TW F . -4.33 -8.17 22.74
C7 2TW F . -3.58 -13.06 19.68
C5 2TW F . -4.42 -13.87 18.66
C4 2TW F . -4.60 -13.33 17.39
C3 2TW F . -5.34 -14.03 16.45
C2 2TW F . -5.90 -15.26 16.77
CL1 2TW F . -6.81 -16.13 15.59
C1 2TW F . -5.71 -15.80 18.05
C6 2TW F . -4.97 -15.11 18.99
#